data_3NTV
#
_entry.id   3NTV
#
_cell.length_a   46.383
_cell.length_b   65.441
_cell.length_c   70.468
_cell.angle_alpha   90.00
_cell.angle_beta   90.90
_cell.angle_gamma   90.00
#
_symmetry.space_group_name_H-M   'P 1 21 1'
#
loop_
_entity.id
_entity.type
_entity.pdbx_description
1 polymer 'MW1564 protein'
2 non-polymer 'SULFATE ION'
3 water water
#
_entity_poly.entity_id   1
_entity_poly.type   'polypeptide(L)'
_entity_poly.pdbx_seq_one_letter_code
;(MSE)GSSHHHHHHSSGLVPRGSH(MSE)DDLNKKYLIDLHQHQNSSIEVLREFAEVNEVPIVDRLTLDLIKQLIR
(MSE)NNVKNILEIGTAIGYSS(MSE)QFASISDDIHVTTIERNET(MSE)IQYAKQNLATYHFENQVRIIEGNALEQFE
NVNDKVYD(MSE)IFIDAAKAQSKKFFEIYTPLLKHQGLVITDNVLYHGFVSDIGIVRSRNVRQ(MSE)VKKVQDYNEWL
IKQPGYTTNFLNIDDGLAISIKGE
;
_entity_poly.pdbx_strand_id   A,B
#
loop_
_chem_comp.id
_chem_comp.type
_chem_comp.name
_chem_comp.formula
SO4 non-polymer 'SULFATE ION' 'O4 S -2'
#
# COMPACT_ATOMS: atom_id res chain seq x y z
N MSE A 21 -10.93 17.78 -2.03
CA MSE A 21 -10.08 17.37 -0.91
C MSE A 21 -9.17 16.21 -1.28
O MSE A 21 -7.96 16.30 -1.05
CB MSE A 21 -10.93 17.06 0.34
CG MSE A 21 -10.10 16.98 1.63
SE MSE A 21 -8.75 18.39 1.81
CE MSE A 21 -9.91 19.98 1.83
N ASP A 22 -9.75 15.12 -1.85
CA ASP A 22 -9.00 13.93 -2.28
C ASP A 22 -8.00 14.31 -3.35
N ASP A 23 -8.41 15.18 -4.31
CA ASP A 23 -7.58 15.70 -5.39
C ASP A 23 -6.42 16.54 -4.82
N LEU A 24 -6.69 17.40 -3.82
CA LEU A 24 -5.68 18.25 -3.16
C LEU A 24 -4.64 17.37 -2.43
N ASN A 25 -5.11 16.34 -1.69
CA ASN A 25 -4.28 15.37 -0.96
C ASN A 25 -3.36 14.64 -1.93
N LYS A 26 -3.91 14.16 -3.06
CA LYS A 26 -3.18 13.45 -4.11
C LYS A 26 -2.09 14.34 -4.70
N LYS A 27 -2.42 15.63 -5.02
CA LYS A 27 -1.46 16.60 -5.57
C LYS A 27 -0.31 16.85 -4.58
N TYR A 28 -0.65 17.00 -3.30
CA TYR A 28 0.31 17.23 -2.23
C TYR A 28 1.31 16.04 -2.12
N LEU A 29 0.78 14.80 -2.15
CA LEU A 29 1.65 13.61 -2.08
C LEU A 29 2.49 13.44 -3.32
N ILE A 30 1.92 13.65 -4.54
CA ILE A 30 2.69 13.55 -5.78
C ILE A 30 3.86 14.55 -5.76
N ASP A 31 3.61 15.77 -5.21
CA ASP A 31 4.65 16.79 -5.04
C ASP A 31 5.78 16.27 -4.14
N LEU A 32 5.43 15.53 -3.05
CA LEU A 32 6.46 14.95 -2.19
C LEU A 32 7.28 13.92 -2.98
N HIS A 33 6.62 13.17 -3.88
CA HIS A 33 7.25 12.14 -4.70
C HIS A 33 8.13 12.71 -5.83
N GLN A 34 8.02 14.02 -6.13
CA GLN A 34 8.81 14.63 -7.21
C GLN A 34 10.34 14.45 -7.10
N HIS A 35 10.85 14.28 -5.87
CA HIS A 35 12.28 14.02 -5.59
C HIS A 35 12.75 12.69 -6.20
N GLN A 36 11.86 11.68 -6.25
CA GLN A 36 12.16 10.35 -6.80
C GLN A 36 11.73 10.15 -8.28
N ASN A 37 11.62 11.26 -9.04
CA ASN A 37 11.28 11.25 -10.46
C ASN A 37 12.37 10.57 -11.28
N SER A 38 11.99 9.53 -12.04
CA SER A 38 12.90 8.82 -12.95
C SER A 38 12.85 9.53 -14.32
N SER A 39 13.78 9.20 -15.23
CA SER A 39 13.85 9.78 -16.58
C SER A 39 12.56 9.52 -17.39
N ILE A 40 11.90 8.38 -17.16
CA ILE A 40 10.67 7.99 -17.86
C ILE A 40 9.40 8.75 -17.45
N GLU A 41 9.44 9.49 -16.33
CA GLU A 41 8.30 10.29 -15.85
C GLU A 41 7.81 11.30 -16.89
N VAL A 42 8.70 11.74 -17.80
CA VAL A 42 8.40 12.66 -18.91
C VAL A 42 7.27 12.11 -19.81
N LEU A 43 7.10 10.76 -19.88
CA LEU A 43 6.04 10.13 -20.67
C LEU A 43 4.61 10.33 -20.14
N ARG A 44 4.46 10.70 -18.85
CA ARG A 44 3.14 10.98 -18.24
C ARG A 44 2.45 12.11 -19.04
N GLU A 45 3.26 13.09 -19.47
CA GLU A 45 2.89 14.26 -20.29
C GLU A 45 2.27 13.81 -21.60
N PHE A 46 2.94 12.87 -22.32
CA PHE A 46 2.44 12.31 -23.58
C PHE A 46 1.09 11.60 -23.36
N ALA A 47 0.96 10.79 -22.29
CA ALA A 47 -0.24 10.03 -21.97
C ALA A 47 -1.48 10.91 -21.77
N GLU A 48 -1.38 11.99 -20.98
CA GLU A 48 -2.52 12.89 -20.71
C GLU A 48 -3.01 13.65 -21.96
N VAL A 49 -2.07 14.16 -22.77
CA VAL A 49 -2.31 14.89 -24.02
C VAL A 49 -2.99 14.02 -25.10
N ASN A 50 -2.56 12.73 -25.23
CA ASN A 50 -3.04 11.80 -26.27
C ASN A 50 -4.13 10.80 -25.89
N GLU A 51 -4.84 11.03 -24.76
CA GLU A 51 -5.93 10.16 -24.25
C GLU A 51 -5.42 8.72 -24.08
N VAL A 52 -4.20 8.60 -23.56
CA VAL A 52 -3.58 7.31 -23.34
C VAL A 52 -3.64 7.04 -21.84
N PRO A 53 -4.28 5.96 -21.39
CA PRO A 53 -4.33 5.73 -19.94
C PRO A 53 -3.00 5.20 -19.41
N ILE A 54 -2.43 5.82 -18.39
CA ILE A 54 -1.21 5.28 -17.77
C ILE A 54 -1.52 5.05 -16.29
N VAL A 55 -0.79 4.13 -15.65
CA VAL A 55 -0.96 3.83 -14.22
CA VAL A 55 -0.99 3.84 -14.23
C VAL A 55 -0.80 5.13 -13.41
N ASP A 56 -1.62 5.33 -12.37
CA ASP A 56 -1.49 6.53 -11.55
C ASP A 56 -0.20 6.55 -10.74
N ARG A 57 0.33 7.75 -10.53
CA ARG A 57 1.60 7.93 -9.84
C ARG A 57 1.68 7.29 -8.45
N LEU A 58 0.71 7.54 -7.58
CA LEU A 58 0.82 6.99 -6.22
C LEU A 58 0.68 5.47 -6.22
N THR A 59 -0.17 4.96 -7.12
CA THR A 59 -0.32 3.48 -7.28
C THR A 59 1.01 2.89 -7.75
N LEU A 60 1.61 3.50 -8.78
CA LEU A 60 2.90 3.02 -9.29
C LEU A 60 3.95 3.03 -8.21
N ASP A 61 4.04 4.13 -7.43
CA ASP A 61 5.08 4.20 -6.41
C ASP A 61 4.91 3.20 -5.27
N LEU A 62 3.67 2.84 -4.97
CA LEU A 62 3.41 1.77 -4.02
C LEU A 62 3.89 0.42 -4.58
N ILE A 63 3.57 0.14 -5.86
CA ILE A 63 3.97 -1.13 -6.49
C ILE A 63 5.51 -1.25 -6.54
N LYS A 64 6.20 -0.13 -6.84
CA LYS A 64 7.66 -0.10 -6.85
C LYS A 64 8.18 -0.48 -5.45
N GLN A 65 7.52 0.03 -4.38
CA GLN A 65 7.90 -0.30 -3.01
CA GLN A 65 7.92 -0.32 -3.01
C GLN A 65 7.69 -1.79 -2.72
N LEU A 66 6.60 -2.37 -3.25
CA LEU A 66 6.31 -3.80 -3.06
C LEU A 66 7.38 -4.63 -3.76
N ILE A 67 7.84 -4.20 -4.94
CA ILE A 67 8.90 -4.88 -5.69
C ILE A 67 10.19 -4.89 -4.82
N ARG A 68 10.53 -3.74 -4.23
CA ARG A 68 11.70 -3.64 -3.35
C ARG A 68 11.60 -4.56 -2.13
N MSE A 69 10.47 -4.52 -1.39
CA MSE A 69 10.28 -5.33 -0.18
C MSE A 69 10.32 -6.83 -0.45
O MSE A 69 10.84 -7.57 0.37
CB MSE A 69 8.88 -5.06 0.39
CG MSE A 69 8.72 -3.71 1.00
SE MSE A 69 6.83 -3.59 1.44
CE MSE A 69 6.53 -5.18 2.06
N ASN A 70 9.73 -7.26 -1.57
CA ASN A 70 9.64 -8.68 -1.90
C ASN A 70 10.77 -9.19 -2.78
N ASN A 71 11.75 -8.29 -3.15
CA ASN A 71 12.89 -8.63 -4.02
CA ASN A 71 12.89 -8.63 -4.01
C ASN A 71 12.36 -9.24 -5.32
N VAL A 72 11.31 -8.61 -5.87
CA VAL A 72 10.70 -9.09 -7.11
C VAL A 72 11.69 -8.98 -8.25
N LYS A 73 11.82 -10.08 -9.01
CA LYS A 73 12.72 -10.11 -10.15
C LYS A 73 11.95 -10.29 -11.46
N ASN A 74 10.93 -11.17 -11.48
CA ASN A 74 10.21 -11.48 -12.72
C ASN A 74 8.79 -11.02 -12.58
N ILE A 75 8.38 -10.10 -13.49
CA ILE A 75 7.02 -9.54 -13.47
C ILE A 75 6.29 -9.91 -14.75
N LEU A 76 4.99 -10.22 -14.62
CA LEU A 76 4.12 -10.44 -15.77
C LEU A 76 3.03 -9.39 -15.71
N GLU A 77 2.87 -8.60 -16.77
CA GLU A 77 1.85 -7.56 -16.83
CA GLU A 77 1.90 -7.53 -16.86
C GLU A 77 0.88 -7.89 -17.94
N ILE A 78 -0.41 -7.69 -17.67
CA ILE A 78 -1.43 -7.95 -18.69
C ILE A 78 -1.91 -6.57 -19.15
N GLY A 79 -1.38 -6.15 -20.28
CA GLY A 79 -1.74 -4.88 -20.88
C GLY A 79 -0.77 -3.76 -20.58
N THR A 80 -0.72 -2.83 -21.52
CA THR A 80 0.05 -1.61 -21.43
C THR A 80 -0.45 -0.57 -22.41
N ALA A 81 -0.28 0.68 -22.05
CA ALA A 81 -0.64 1.75 -22.92
C ALA A 81 0.62 2.15 -23.71
N ILE A 82 1.71 2.52 -23.01
CA ILE A 82 2.94 2.95 -23.69
C ILE A 82 4.24 2.32 -23.12
N GLY A 83 4.11 1.29 -22.28
CA GLY A 83 5.27 0.65 -21.64
C GLY A 83 5.76 1.40 -20.42
N TYR A 84 4.97 2.39 -19.95
CA TYR A 84 5.35 3.21 -18.82
C TYR A 84 5.56 2.38 -17.53
N SER A 85 4.59 1.54 -17.16
CA SER A 85 4.79 0.77 -15.92
C SER A 85 5.93 -0.23 -16.06
N SER A 86 6.06 -0.86 -17.25
CA SER A 86 7.12 -1.85 -17.53
CA SER A 86 7.10 -1.86 -17.48
C SER A 86 8.49 -1.23 -17.30
N MSE A 87 8.72 -0.04 -17.87
CA MSE A 87 10.01 0.63 -17.72
C MSE A 87 10.23 1.14 -16.29
O MSE A 87 11.34 1.02 -15.78
CB MSE A 87 10.15 1.76 -18.73
CG MSE A 87 10.17 1.24 -20.15
SE MSE A 87 10.44 2.68 -21.44
CE MSE A 87 8.82 3.61 -21.15
N GLN A 88 9.16 1.61 -15.63
CA GLN A 88 9.29 2.05 -14.24
C GLN A 88 9.72 0.89 -13.34
N PHE A 89 9.15 -0.31 -13.56
CA PHE A 89 9.54 -1.48 -12.77
C PHE A 89 10.97 -1.90 -13.11
N ALA A 90 11.32 -1.96 -14.41
CA ALA A 90 12.66 -2.37 -14.84
C ALA A 90 13.72 -1.39 -14.33
N SER A 91 13.34 -0.10 -14.15
CA SER A 91 14.28 0.93 -13.68
C SER A 91 14.78 0.71 -12.27
N ILE A 92 14.05 -0.10 -11.46
CA ILE A 92 14.43 -0.34 -10.07
C ILE A 92 15.77 -1.09 -9.92
N SER A 93 15.99 -2.11 -10.77
CA SER A 93 17.19 -2.93 -10.68
C SER A 93 17.48 -3.55 -12.05
N ASP A 94 18.77 -3.69 -12.40
CA ASP A 94 19.13 -4.29 -13.71
C ASP A 94 18.76 -5.75 -13.81
N ASP A 95 18.50 -6.42 -12.69
CA ASP A 95 18.11 -7.83 -12.73
C ASP A 95 16.60 -8.07 -12.83
N ILE A 96 15.81 -6.99 -12.98
CA ILE A 96 14.36 -7.15 -13.11
C ILE A 96 14.00 -7.44 -14.55
N HIS A 97 13.11 -8.38 -14.74
CA HIS A 97 12.57 -8.74 -16.04
C HIS A 97 11.08 -8.45 -16.04
N VAL A 98 10.55 -7.88 -17.13
CA VAL A 98 9.11 -7.67 -17.24
C VAL A 98 8.65 -8.28 -18.57
N THR A 99 7.63 -9.14 -18.50
CA THR A 99 6.93 -9.65 -19.67
C THR A 99 5.59 -8.89 -19.69
N THR A 100 5.30 -8.21 -20.82
CA THR A 100 4.05 -7.46 -20.97
CA THR A 100 4.06 -7.47 -20.97
C THR A 100 3.27 -7.97 -22.17
N ILE A 101 2.00 -8.37 -21.94
CA ILE A 101 1.13 -8.85 -23.02
C ILE A 101 0.26 -7.69 -23.44
N GLU A 102 0.18 -7.44 -24.75
CA GLU A 102 -0.66 -6.38 -25.28
C GLU A 102 -1.18 -6.75 -26.66
N ARG A 103 -2.49 -6.53 -26.88
CA ARG A 103 -3.06 -6.86 -28.18
C ARG A 103 -3.21 -5.66 -29.11
N ASN A 104 -3.33 -4.43 -28.56
CA ASN A 104 -3.54 -3.23 -29.40
C ASN A 104 -2.29 -2.81 -30.13
N GLU A 105 -2.34 -2.85 -31.48
CA GLU A 105 -1.25 -2.48 -32.39
C GLU A 105 -0.67 -1.09 -32.12
N THR A 106 -1.53 -0.08 -31.81
CA THR A 106 -1.04 1.28 -31.52
C THR A 106 -0.21 1.29 -30.22
N MSE A 107 -0.74 0.65 -29.17
CA MSE A 107 -0.08 0.50 -27.86
C MSE A 107 1.23 -0.28 -28.00
O MSE A 107 2.24 0.16 -27.45
CB MSE A 107 -1.03 -0.16 -26.84
CG MSE A 107 -2.32 0.62 -26.62
SE MSE A 107 -2.04 2.50 -26.20
CE MSE A 107 -3.82 3.20 -26.72
N ILE A 108 1.23 -1.39 -28.79
CA ILE A 108 2.45 -2.18 -29.05
C ILE A 108 3.54 -1.27 -29.66
N GLN A 109 3.19 -0.47 -30.70
CA GLN A 109 4.11 0.44 -31.38
C GLN A 109 4.71 1.48 -30.43
N TYR A 110 3.87 2.13 -29.60
CA TYR A 110 4.28 3.13 -28.59
C TYR A 110 5.24 2.47 -27.60
N ALA A 111 4.84 1.29 -27.05
CA ALA A 111 5.67 0.57 -26.08
C ALA A 111 7.04 0.19 -26.69
N LYS A 112 7.04 -0.39 -27.93
CA LYS A 112 8.26 -0.78 -28.63
CA LYS A 112 8.27 -0.78 -28.62
C LYS A 112 9.22 0.41 -28.80
N GLN A 113 8.68 1.56 -29.27
CA GLN A 113 9.52 2.75 -29.46
C GLN A 113 10.10 3.24 -28.14
N ASN A 114 9.30 3.25 -27.07
CA ASN A 114 9.77 3.68 -25.75
C ASN A 114 10.89 2.78 -25.21
N LEU A 115 10.75 1.44 -25.35
CA LEU A 115 11.79 0.52 -24.87
C LEU A 115 13.11 0.79 -25.59
N ALA A 116 13.05 1.10 -26.92
CA ALA A 116 14.24 1.40 -27.71
C ALA A 116 14.85 2.73 -27.25
N THR A 117 14.01 3.79 -27.15
CA THR A 117 14.42 5.15 -26.77
C THR A 117 15.11 5.18 -25.41
N TYR A 118 14.50 4.48 -24.41
CA TYR A 118 15.00 4.46 -23.04
C TYR A 118 15.91 3.29 -22.68
N HIS A 119 16.27 2.47 -23.69
CA HIS A 119 17.25 1.38 -23.53
C HIS A 119 16.81 0.28 -22.56
N PHE A 120 15.53 -0.14 -22.64
CA PHE A 120 15.02 -1.20 -21.77
C PHE A 120 14.69 -2.49 -22.52
N GLU A 121 15.10 -2.64 -23.81
CA GLU A 121 14.75 -3.83 -24.60
C GLU A 121 15.30 -5.16 -24.09
N ASN A 122 16.37 -5.13 -23.25
CA ASN A 122 16.91 -6.34 -22.66
C ASN A 122 16.12 -6.76 -21.41
N GLN A 123 15.47 -5.80 -20.73
CA GLN A 123 14.74 -6.13 -19.51
C GLN A 123 13.25 -6.36 -19.74
N VAL A 124 12.67 -5.76 -20.80
CA VAL A 124 11.23 -5.87 -21.06
C VAL A 124 10.95 -6.60 -22.37
N ARG A 125 10.03 -7.57 -22.30
CA ARG A 125 9.60 -8.37 -23.45
C ARG A 125 8.13 -8.04 -23.70
N ILE A 126 7.79 -7.63 -24.92
CA ILE A 126 6.40 -7.35 -25.31
C ILE A 126 5.90 -8.57 -26.03
N ILE A 127 4.81 -9.16 -25.54
CA ILE A 127 4.18 -10.32 -26.15
C ILE A 127 2.96 -9.75 -26.88
N GLU A 128 2.93 -9.86 -28.21
CA GLU A 128 1.84 -9.27 -28.99
C GLU A 128 0.69 -10.24 -29.21
N GLY A 129 -0.49 -9.86 -28.78
CA GLY A 129 -1.66 -10.70 -28.98
C GLY A 129 -2.65 -10.62 -27.84
N ASN A 130 -3.75 -11.35 -28.03
CA ASN A 130 -4.83 -11.42 -27.06
C ASN A 130 -4.39 -12.25 -25.84
N ALA A 131 -4.55 -11.70 -24.63
CA ALA A 131 -4.12 -12.38 -23.40
C ALA A 131 -4.82 -13.69 -23.09
N LEU A 132 -5.93 -14.00 -23.79
CA LEU A 132 -6.54 -15.30 -23.57
C LEU A 132 -5.64 -16.43 -24.11
N GLU A 133 -4.76 -16.12 -25.08
CA GLU A 133 -3.97 -17.16 -25.78
C GLU A 133 -2.47 -17.10 -25.64
N GLN A 134 -1.94 -16.34 -24.66
CA GLN A 134 -0.48 -16.20 -24.55
C GLN A 134 0.24 -17.08 -23.54
N PHE A 135 -0.48 -17.98 -22.85
CA PHE A 135 0.16 -18.86 -21.83
C PHE A 135 1.46 -19.52 -22.29
N GLU A 136 1.44 -20.15 -23.50
CA GLU A 136 2.61 -20.83 -24.04
C GLU A 136 3.75 -19.91 -24.50
N ASN A 137 3.50 -18.60 -24.55
CA ASN A 137 4.52 -17.63 -24.96
C ASN A 137 5.16 -16.97 -23.74
N VAL A 138 4.61 -17.19 -22.55
CA VAL A 138 5.16 -16.59 -21.31
C VAL A 138 5.49 -17.59 -20.22
N ASN A 139 5.24 -18.88 -20.46
CA ASN A 139 5.45 -19.90 -19.44
C ASN A 139 6.90 -20.43 -19.35
N ASP A 140 7.89 -19.64 -19.82
CA ASP A 140 9.31 -19.99 -19.75
C ASP A 140 9.92 -19.50 -18.42
N LYS A 141 9.13 -18.81 -17.61
CA LYS A 141 9.60 -18.25 -16.35
C LYS A 141 8.59 -18.50 -15.26
N VAL A 142 9.08 -18.42 -14.00
CA VAL A 142 8.26 -18.42 -12.79
C VAL A 142 8.25 -16.93 -12.39
N TYR A 143 7.06 -16.36 -12.27
CA TYR A 143 6.92 -14.94 -11.93
C TYR A 143 6.77 -14.69 -10.44
N ASP A 144 7.28 -13.53 -9.99
CA ASP A 144 7.19 -13.08 -8.61
C ASP A 144 6.00 -12.14 -8.39
N MSE A 145 5.47 -11.57 -9.48
CA MSE A 145 4.34 -10.62 -9.45
C MSE A 145 3.62 -10.67 -10.81
O MSE A 145 4.25 -10.77 -11.87
CB MSE A 145 4.87 -9.18 -9.20
CG MSE A 145 3.81 -8.08 -9.32
SE MSE A 145 4.66 -6.33 -9.15
CE MSE A 145 4.74 -6.24 -7.22
N ILE A 146 2.28 -10.60 -10.74
CA ILE A 146 1.39 -10.50 -11.90
C ILE A 146 0.65 -9.17 -11.71
N PHE A 147 0.59 -8.35 -12.76
CA PHE A 147 -0.10 -7.05 -12.70
C PHE A 147 -1.25 -7.04 -13.70
N ILE A 148 -2.48 -6.94 -13.18
CA ILE A 148 -3.72 -6.98 -13.99
C ILE A 148 -4.61 -5.75 -13.73
N ASP A 149 -5.46 -5.39 -14.70
CA ASP A 149 -6.47 -4.36 -14.55
C ASP A 149 -7.81 -5.10 -14.46
N ALA A 150 -8.58 -4.92 -13.36
CA ALA A 150 -9.84 -5.65 -13.17
C ALA A 150 -10.86 -5.42 -14.28
N ALA A 151 -10.80 -4.28 -14.93
CA ALA A 151 -11.78 -3.91 -15.96
C ALA A 151 -11.38 -4.30 -17.39
N LYS A 152 -10.12 -4.71 -17.61
CA LYS A 152 -9.59 -5.06 -18.93
C LYS A 152 -9.99 -6.44 -19.40
N ALA A 153 -10.86 -6.50 -20.42
CA ALA A 153 -11.26 -7.78 -21.01
C ALA A 153 -11.68 -8.85 -19.99
N GLN A 154 -11.23 -10.10 -20.15
CA GLN A 154 -11.65 -11.21 -19.29
C GLN A 154 -10.71 -11.29 -18.10
N SER A 155 -10.79 -10.31 -17.21
CA SER A 155 -9.87 -10.25 -16.07
C SER A 155 -9.84 -11.48 -15.18
N LYS A 156 -11.00 -12.10 -14.86
CA LYS A 156 -11.05 -13.31 -14.02
C LYS A 156 -10.33 -14.44 -14.77
N LYS A 157 -10.59 -14.57 -16.07
CA LYS A 157 -9.95 -15.63 -16.86
C LYS A 157 -8.44 -15.43 -16.87
N PHE A 158 -7.96 -14.18 -16.98
CA PHE A 158 -6.53 -13.91 -16.98
C PHE A 158 -5.92 -14.34 -15.65
N PHE A 159 -6.60 -14.06 -14.52
CA PHE A 159 -6.11 -14.51 -13.22
C PHE A 159 -5.99 -16.03 -13.21
N GLU A 160 -7.02 -16.77 -13.68
CA GLU A 160 -6.98 -18.24 -13.67
C GLU A 160 -5.89 -18.81 -14.61
N ILE A 161 -5.71 -18.20 -15.80
CA ILE A 161 -4.72 -18.67 -16.78
C ILE A 161 -3.27 -18.50 -16.30
N TYR A 162 -2.95 -17.32 -15.73
CA TYR A 162 -1.56 -16.96 -15.46
C TYR A 162 -1.03 -17.23 -14.05
N THR A 163 -1.92 -17.28 -13.05
CA THR A 163 -1.49 -17.58 -11.67
C THR A 163 -0.77 -18.89 -11.47
N PRO A 164 -1.01 -19.97 -12.26
CA PRO A 164 -0.16 -21.17 -12.10
C PRO A 164 1.34 -20.89 -12.32
N LEU A 165 1.69 -19.77 -12.99
CA LEU A 165 3.09 -19.37 -13.25
C LEU A 165 3.65 -18.49 -12.13
N LEU A 166 2.83 -18.14 -11.14
CA LEU A 166 3.26 -17.29 -10.02
C LEU A 166 3.79 -18.16 -8.87
N LYS A 167 4.95 -17.79 -8.35
CA LYS A 167 5.52 -18.55 -7.24
C LYS A 167 4.69 -18.45 -5.99
N HIS A 168 4.89 -19.42 -5.07
CA HIS A 168 4.29 -19.41 -3.75
C HIS A 168 4.82 -18.14 -3.05
N GLN A 169 3.92 -17.39 -2.40
CA GLN A 169 4.21 -16.10 -1.76
C GLN A 169 4.39 -14.96 -2.78
N GLY A 170 4.18 -15.26 -4.06
CA GLY A 170 4.19 -14.25 -5.12
C GLY A 170 2.97 -13.34 -4.98
N LEU A 171 2.96 -12.21 -5.70
CA LEU A 171 1.87 -11.25 -5.61
C LEU A 171 1.06 -11.10 -6.88
N VAL A 172 -0.27 -10.91 -6.73
CA VAL A 172 -1.13 -10.48 -7.83
C VAL A 172 -1.54 -9.06 -7.43
N ILE A 173 -1.19 -8.09 -8.28
CA ILE A 173 -1.58 -6.69 -8.07
C ILE A 173 -2.70 -6.38 -9.07
N THR A 174 -3.89 -6.05 -8.57
CA THR A 174 -5.00 -5.72 -9.46
C THR A 174 -5.31 -4.24 -9.36
N ASP A 175 -5.18 -3.54 -10.50
CA ASP A 175 -5.53 -2.13 -10.59
C ASP A 175 -7.00 -1.98 -10.97
N ASN A 176 -7.57 -0.80 -10.71
CA ASN A 176 -8.91 -0.43 -11.13
C ASN A 176 -10.02 -1.25 -10.51
N VAL A 177 -9.85 -1.62 -9.24
CA VAL A 177 -10.86 -2.40 -8.50
C VAL A 177 -12.06 -1.52 -8.07
N LEU A 178 -11.98 -0.19 -8.29
CA LEU A 178 -13.10 0.72 -8.04
C LEU A 178 -13.65 1.28 -9.37
N TYR A 179 -13.21 0.72 -10.53
CA TYR A 179 -13.56 1.21 -11.88
C TYR A 179 -13.58 2.75 -11.93
N HIS A 180 -12.41 3.35 -11.65
CA HIS A 180 -12.20 4.79 -11.68
C HIS A 180 -13.07 5.56 -10.67
N GLY A 181 -13.59 4.84 -9.67
CA GLY A 181 -14.45 5.42 -8.63
C GLY A 181 -15.93 5.29 -8.93
N PHE A 182 -16.29 4.66 -10.07
CA PHE A 182 -17.68 4.49 -10.47
C PHE A 182 -18.46 3.43 -9.74
N VAL A 183 -17.80 2.47 -9.08
CA VAL A 183 -18.49 1.36 -8.40
C VAL A 183 -19.73 1.69 -7.55
N SER A 184 -19.69 2.82 -6.81
CA SER A 184 -20.79 3.25 -5.93
CA SER A 184 -20.80 3.25 -5.94
C SER A 184 -21.50 4.53 -6.41
N ASP A 185 -21.10 5.06 -7.57
CA ASP A 185 -21.62 6.30 -8.15
C ASP A 185 -22.97 6.14 -8.86
N ILE A 186 -23.92 7.05 -8.56
CA ILE A 186 -25.25 7.07 -9.20
C ILE A 186 -25.08 7.41 -10.69
N GLY A 187 -24.06 8.21 -10.99
CA GLY A 187 -23.72 8.68 -12.34
C GLY A 187 -23.53 7.60 -13.39
N ILE A 188 -23.41 6.33 -12.96
CA ILE A 188 -23.35 5.18 -13.87
C ILE A 188 -24.62 5.07 -14.72
N VAL A 189 -25.73 5.73 -14.28
CA VAL A 189 -26.99 5.75 -15.04
C VAL A 189 -26.80 6.40 -16.43
N ARG A 190 -25.71 7.17 -16.61
CA ARG A 190 -25.42 7.89 -17.85
C ARG A 190 -24.78 7.05 -18.94
N SER A 191 -24.13 5.92 -18.57
CA SER A 191 -23.45 5.10 -19.56
C SER A 191 -23.63 3.60 -19.41
N ARG A 192 -24.14 2.93 -20.47
CA ARG A 192 -24.28 1.48 -20.47
C ARG A 192 -22.91 0.80 -20.33
N ASN A 193 -21.89 1.32 -21.04
CA ASN A 193 -20.53 0.76 -20.99
CA ASN A 193 -20.53 0.75 -20.98
C ASN A 193 -19.96 0.83 -19.56
N VAL A 194 -20.17 1.96 -18.87
CA VAL A 194 -19.69 2.11 -17.48
C VAL A 194 -20.42 1.11 -16.58
N ARG A 195 -21.75 0.93 -16.76
CA ARG A 195 -22.48 -0.08 -15.98
C ARG A 195 -21.95 -1.48 -16.18
N GLN A 196 -21.66 -1.85 -17.44
CA GLN A 196 -21.14 -3.19 -17.76
C GLN A 196 -19.77 -3.39 -17.08
N MSE A 197 -18.91 -2.34 -17.09
CA MSE A 197 -17.60 -2.40 -16.47
C MSE A 197 -17.66 -2.47 -14.95
O MSE A 197 -16.90 -3.21 -14.34
CB MSE A 197 -16.73 -1.22 -16.93
CG MSE A 197 -16.44 -1.24 -18.43
SE MSE A 197 -15.39 -2.79 -19.00
CE MSE A 197 -16.86 -3.89 -19.73
N VAL A 198 -18.59 -1.71 -14.34
CA VAL A 198 -18.80 -1.74 -12.89
C VAL A 198 -19.22 -3.15 -12.50
N LYS A 199 -20.15 -3.77 -13.26
CA LYS A 199 -20.59 -5.15 -12.98
C LYS A 199 -19.42 -6.13 -13.05
N LYS A 200 -18.57 -6.01 -14.09
CA LYS A 200 -17.41 -6.89 -14.26
C LYS A 200 -16.44 -6.75 -13.07
N VAL A 201 -16.14 -5.51 -12.67
CA VAL A 201 -15.19 -5.21 -11.59
C VAL A 201 -15.74 -5.70 -10.26
N GLN A 202 -17.03 -5.44 -10.01
CA GLN A 202 -17.65 -5.93 -8.78
C GLN A 202 -17.62 -7.45 -8.72
N ASP A 203 -17.96 -8.14 -9.84
CA ASP A 203 -17.90 -9.60 -9.91
C ASP A 203 -16.46 -10.09 -9.65
N TYR A 204 -15.46 -9.44 -10.28
CA TYR A 204 -14.05 -9.79 -10.08
C TYR A 204 -13.66 -9.68 -8.61
N ASN A 205 -13.99 -8.57 -7.96
CA ASN A 205 -13.65 -8.36 -6.54
C ASN A 205 -14.23 -9.45 -5.63
N GLU A 206 -15.52 -9.77 -5.80
CA GLU A 206 -16.19 -10.80 -5.00
C GLU A 206 -15.57 -12.17 -5.26
N TRP A 207 -15.25 -12.48 -6.51
CA TRP A 207 -14.66 -13.77 -6.86
C TRP A 207 -13.24 -13.85 -6.24
N LEU A 208 -12.47 -12.75 -6.31
CA LEU A 208 -11.11 -12.71 -5.77
C LEU A 208 -11.04 -13.00 -4.28
N ILE A 209 -11.88 -12.32 -3.48
CA ILE A 209 -11.90 -12.51 -2.03
C ILE A 209 -12.24 -13.94 -1.62
N LYS A 210 -12.91 -14.70 -2.51
CA LYS A 210 -13.32 -16.08 -2.26
C LYS A 210 -12.29 -17.14 -2.71
N GLN A 211 -11.13 -16.72 -3.24
CA GLN A 211 -10.08 -17.67 -3.66
C GLN A 211 -9.32 -18.11 -2.39
N PRO A 212 -9.40 -19.40 -1.96
CA PRO A 212 -8.73 -19.78 -0.69
C PRO A 212 -7.20 -19.78 -0.69
N GLY A 213 -6.59 -19.84 -1.87
CA GLY A 213 -5.13 -19.84 -1.96
C GLY A 213 -4.52 -18.45 -1.97
N TYR A 214 -5.32 -17.40 -1.65
CA TYR A 214 -4.87 -15.99 -1.67
C TYR A 214 -5.31 -15.20 -0.48
N THR A 215 -4.45 -14.29 -0.01
CA THR A 215 -4.76 -13.33 1.06
C THR A 215 -4.78 -11.96 0.37
N THR A 216 -5.97 -11.31 0.34
CA THR A 216 -6.17 -10.03 -0.39
C THR A 216 -6.57 -8.85 0.47
N ASN A 217 -6.05 -7.66 0.11
CA ASN A 217 -6.50 -6.43 0.71
C ASN A 217 -6.76 -5.41 -0.38
N PHE A 218 -7.71 -4.50 -0.15
CA PHE A 218 -8.10 -3.46 -1.09
C PHE A 218 -7.77 -2.09 -0.56
N LEU A 219 -7.45 -1.17 -1.46
CA LEU A 219 -7.10 0.21 -1.12
C LEU A 219 -7.87 1.18 -1.97
N ASN A 220 -8.41 2.26 -1.36
CA ASN A 220 -9.09 3.28 -2.17
C ASN A 220 -8.14 4.42 -2.45
N ILE A 221 -7.17 4.12 -3.30
CA ILE A 221 -6.19 5.07 -3.80
C ILE A 221 -6.39 5.07 -5.30
N ASP A 222 -6.37 6.27 -5.91
CA ASP A 222 -6.46 6.39 -7.37
C ASP A 222 -7.71 5.64 -7.91
N ASP A 223 -7.52 4.64 -8.79
CA ASP A 223 -8.63 3.86 -9.36
C ASP A 223 -9.02 2.65 -8.53
N GLY A 224 -8.37 2.48 -7.38
CA GLY A 224 -8.60 1.33 -6.51
C GLY A 224 -7.53 0.28 -6.80
N LEU A 225 -6.94 -0.31 -5.74
CA LEU A 225 -5.88 -1.30 -5.92
C LEU A 225 -6.10 -2.48 -4.98
N ALA A 226 -5.86 -3.70 -5.46
CA ALA A 226 -5.91 -4.87 -4.60
C ALA A 226 -4.54 -5.52 -4.66
N ILE A 227 -4.14 -6.07 -3.52
CA ILE A 227 -2.88 -6.79 -3.38
C ILE A 227 -3.24 -8.17 -2.87
N SER A 228 -2.82 -9.21 -3.62
CA SER A 228 -3.10 -10.60 -3.27
C SER A 228 -1.80 -11.37 -3.13
N ILE A 229 -1.63 -12.05 -2.01
CA ILE A 229 -0.45 -12.88 -1.76
C ILE A 229 -0.85 -14.33 -2.02
N LYS A 230 -0.13 -15.03 -2.89
CA LYS A 230 -0.42 -16.44 -3.17
C LYS A 230 0.08 -17.34 -2.04
N GLY A 231 -0.84 -18.14 -1.50
CA GLY A 231 -0.54 -19.11 -0.45
C GLY A 231 -0.27 -20.49 -1.02
N ASP B 23 -17.99 8.57 2.22
CA ASP B 23 -17.24 7.95 1.12
C ASP B 23 -17.75 6.53 0.90
N LEU B 24 -18.57 6.33 -0.14
CA LEU B 24 -19.16 5.03 -0.38
C LEU B 24 -18.18 3.98 -0.94
N ASN B 25 -17.10 4.43 -1.61
CA ASN B 25 -16.08 3.51 -2.12
C ASN B 25 -15.32 2.90 -0.94
N LYS B 26 -15.04 3.70 0.10
CA LYS B 26 -14.40 3.22 1.32
C LYS B 26 -15.31 2.18 1.99
N LYS B 27 -16.65 2.47 2.09
CA LYS B 27 -17.59 1.52 2.69
C LYS B 27 -17.66 0.24 1.87
N TYR B 28 -17.61 0.37 0.53
CA TYR B 28 -17.64 -0.79 -0.37
C TYR B 28 -16.42 -1.69 -0.09
N LEU B 29 -15.22 -1.11 0.02
CA LEU B 29 -14.02 -1.91 0.30
C LEU B 29 -14.03 -2.49 1.71
N ILE B 30 -14.48 -1.72 2.71
CA ILE B 30 -14.59 -2.26 4.08
C ILE B 30 -15.54 -3.47 4.11
N ASP B 31 -16.66 -3.42 3.35
CA ASP B 31 -17.58 -4.54 3.22
C ASP B 31 -16.88 -5.77 2.64
N LEU B 32 -16.00 -5.57 1.64
CA LEU B 32 -15.24 -6.69 1.08
C LEU B 32 -14.29 -7.32 2.14
N HIS B 33 -13.76 -6.49 3.07
CA HIS B 33 -12.85 -6.94 4.13
C HIS B 33 -13.55 -7.66 5.30
N GLN B 34 -14.92 -7.61 5.34
CA GLN B 34 -15.65 -8.29 6.43
C GLN B 34 -15.31 -9.77 6.52
N HIS B 35 -14.94 -10.39 5.36
CA HIS B 35 -14.53 -11.80 5.29
C HIS B 35 -13.26 -12.08 6.13
N GLN B 36 -12.40 -11.06 6.32
CA GLN B 36 -11.14 -11.16 7.08
C GLN B 36 -11.18 -10.55 8.51
N ASN B 37 -12.38 -10.22 9.04
CA ASN B 37 -12.47 -9.65 10.40
C ASN B 37 -11.84 -10.58 11.43
N SER B 38 -10.98 -10.04 12.30
CA SER B 38 -10.40 -10.85 13.37
C SER B 38 -11.33 -10.70 14.58
N SER B 39 -11.03 -11.40 15.69
CA SER B 39 -11.82 -11.35 16.94
C SER B 39 -11.75 -9.96 17.60
N ILE B 40 -10.69 -9.23 17.30
CA ILE B 40 -10.40 -7.90 17.82
C ILE B 40 -11.26 -6.82 17.16
N GLU B 41 -11.83 -7.10 15.97
CA GLU B 41 -12.59 -6.09 15.22
C GLU B 41 -13.76 -5.46 15.98
N VAL B 42 -14.42 -6.23 16.85
CA VAL B 42 -15.52 -5.71 17.69
C VAL B 42 -15.12 -4.45 18.48
N LEU B 43 -13.81 -4.31 18.82
CA LEU B 43 -13.34 -3.13 19.57
C LEU B 43 -13.50 -1.82 18.82
N ARG B 44 -13.58 -1.87 17.47
CA ARG B 44 -13.78 -0.64 16.68
C ARG B 44 -15.07 0.09 17.12
N GLU B 45 -16.14 -0.67 17.41
CA GLU B 45 -17.43 -0.15 17.88
C GLU B 45 -17.27 0.58 19.22
N PHE B 46 -16.42 0.04 20.12
CA PHE B 46 -16.11 0.70 21.41
C PHE B 46 -15.38 2.03 21.14
N ALA B 47 -14.35 2.03 20.27
CA ALA B 47 -13.59 3.24 19.96
C ALA B 47 -14.49 4.33 19.34
N GLU B 48 -15.45 3.94 18.48
CA GLU B 48 -16.36 4.89 17.82
C GLU B 48 -17.25 5.59 18.86
N VAL B 49 -17.89 4.80 19.75
CA VAL B 49 -18.79 5.32 20.80
C VAL B 49 -18.03 6.26 21.75
N ASN B 50 -16.83 5.86 22.15
CA ASN B 50 -16.01 6.61 23.10
C ASN B 50 -15.05 7.61 22.50
N GLU B 51 -15.19 7.88 21.18
CA GLU B 51 -14.38 8.84 20.42
C GLU B 51 -12.87 8.63 20.66
N VAL B 52 -12.43 7.36 20.67
CA VAL B 52 -11.04 6.99 20.86
C VAL B 52 -10.47 6.75 19.44
N PRO B 53 -9.47 7.53 18.98
CA PRO B 53 -8.95 7.28 17.63
C PRO B 53 -8.11 6.02 17.58
N ILE B 54 -8.44 5.14 16.65
CA ILE B 54 -7.74 3.90 16.39
C ILE B 54 -7.41 3.91 14.89
N VAL B 55 -6.42 3.11 14.50
CA VAL B 55 -5.98 2.97 13.12
CA VAL B 55 -5.99 3.02 13.12
C VAL B 55 -7.20 2.63 12.25
N ASP B 56 -7.30 3.25 11.08
CA ASP B 56 -8.39 2.99 10.13
C ASP B 56 -8.28 1.57 9.56
N ARG B 57 -9.43 0.98 9.23
CA ARG B 57 -9.50 -0.42 8.81
C ARG B 57 -8.66 -0.77 7.58
N LEU B 58 -8.81 0.00 6.49
CA LEU B 58 -8.10 -0.30 5.25
C LEU B 58 -6.61 -0.09 5.43
N THR B 59 -6.21 0.90 6.25
CA THR B 59 -4.80 1.15 6.56
C THR B 59 -4.28 -0.07 7.35
N LEU B 60 -5.05 -0.51 8.36
CA LEU B 60 -4.65 -1.67 9.17
C LEU B 60 -4.42 -2.90 8.28
N ASP B 61 -5.41 -3.22 7.45
CA ASP B 61 -5.32 -4.41 6.61
C ASP B 61 -4.16 -4.37 5.60
N LEU B 62 -3.75 -3.16 5.19
CA LEU B 62 -2.58 -3.03 4.33
C LEU B 62 -1.32 -3.38 5.21
N ILE B 63 -1.24 -2.83 6.43
CA ILE B 63 -0.08 -3.11 7.29
C ILE B 63 0.01 -4.62 7.58
N LYS B 64 -1.14 -5.29 7.80
CA LYS B 64 -1.15 -6.73 8.03
C LYS B 64 -0.54 -7.45 6.82
N GLN B 65 -0.84 -6.98 5.58
CA GLN B 65 -0.25 -7.57 4.36
C GLN B 65 1.26 -7.30 4.33
N LEU B 66 1.69 -6.10 4.77
CA LEU B 66 3.13 -5.77 4.80
C LEU B 66 3.86 -6.67 5.78
N ILE B 67 3.21 -7.00 6.92
CA ILE B 67 3.78 -7.91 7.91
C ILE B 67 3.96 -9.31 7.29
N ARG B 68 2.94 -9.79 6.56
CA ARG B 68 3.03 -11.10 5.90
C ARG B 68 4.16 -11.13 4.85
N MSE B 69 4.20 -10.14 3.96
CA MSE B 69 5.19 -10.04 2.89
CA MSE B 69 5.18 -10.10 2.88
C MSE B 69 6.61 -10.03 3.39
O MSE B 69 7.51 -10.61 2.78
CB MSE B 69 5.01 -8.72 2.15
CB MSE B 69 4.89 -8.91 1.96
CG MSE B 69 3.81 -8.68 1.29
CG MSE B 69 3.75 -9.17 0.94
SE MSE B 69 3.79 -6.92 0.53
SE MSE B 69 3.09 -7.55 0.02
CE MSE B 69 2.32 -7.18 -0.54
CE MSE B 69 4.70 -6.69 -0.17
N ASN B 70 6.86 -9.26 4.46
CA ASN B 70 8.21 -9.11 4.99
C ASN B 70 8.55 -10.06 6.09
N ASN B 71 7.62 -10.98 6.43
CA ASN B 71 7.80 -11.96 7.53
CA ASN B 71 7.81 -11.96 7.51
C ASN B 71 8.24 -11.24 8.81
N VAL B 72 7.54 -10.13 9.11
CA VAL B 72 7.79 -9.27 10.29
C VAL B 72 7.51 -10.08 11.55
N LYS B 73 8.47 -10.04 12.52
CA LYS B 73 8.32 -10.77 13.79
C LYS B 73 8.36 -9.85 14.98
N ASN B 74 9.22 -8.83 14.95
CA ASN B 74 9.33 -7.88 16.06
C ASN B 74 8.86 -6.52 15.61
N ILE B 75 7.84 -5.99 16.27
CA ILE B 75 7.27 -4.68 15.94
C ILE B 75 7.41 -3.73 17.12
N LEU B 76 7.77 -2.48 16.85
CA LEU B 76 7.82 -1.43 17.87
C LEU B 76 6.77 -0.41 17.48
N GLU B 77 5.81 -0.16 18.37
CA GLU B 77 4.69 0.76 18.15
CA GLU B 77 4.74 0.79 18.09
C GLU B 77 4.84 1.96 19.08
N ILE B 78 4.73 3.19 18.56
CA ILE B 78 4.82 4.39 19.39
CA ILE B 78 4.79 4.38 19.42
C ILE B 78 3.37 4.91 19.56
N GLY B 79 2.73 4.60 20.69
CA GLY B 79 1.35 4.98 20.95
C GLY B 79 0.48 3.74 20.92
N THR B 80 -0.12 3.33 22.04
CA THR B 80 -0.91 2.08 22.16
C THR B 80 -2.39 2.25 21.97
N ALA B 81 -2.95 3.35 22.53
CA ALA B 81 -4.37 3.65 22.70
C ALA B 81 -5.02 2.42 23.38
N ILE B 82 -6.05 1.79 22.79
CA ILE B 82 -6.69 0.63 23.41
C ILE B 82 -6.03 -0.73 23.11
N GLY B 83 -4.91 -0.69 22.40
CA GLY B 83 -4.20 -1.92 22.05
C GLY B 83 -4.75 -2.60 20.81
N TYR B 84 -5.64 -1.92 20.07
CA TYR B 84 -6.27 -2.48 18.86
C TYR B 84 -5.23 -2.88 17.82
N SER B 85 -4.35 -1.95 17.40
CA SER B 85 -3.38 -2.29 16.37
C SER B 85 -2.40 -3.35 16.83
N SER B 86 -1.90 -3.26 18.09
CA SER B 86 -0.90 -4.22 18.57
C SER B 86 -1.44 -5.64 18.58
N MSE B 87 -2.72 -5.82 19.00
CA MSE B 87 -3.36 -7.14 19.00
C MSE B 87 -3.64 -7.60 17.59
O MSE B 87 -3.46 -8.77 17.31
CB MSE B 87 -4.63 -7.13 19.83
CG MSE B 87 -4.33 -6.95 21.31
SE MSE B 87 -5.99 -7.10 22.34
CE MSE B 87 -6.82 -5.68 21.72
N GLN B 88 -4.04 -6.70 16.70
CA GLN B 88 -4.28 -7.08 15.30
C GLN B 88 -2.99 -7.60 14.64
N PHE B 89 -1.84 -6.96 14.92
CA PHE B 89 -0.58 -7.43 14.37
C PHE B 89 -0.20 -8.78 14.98
N ALA B 90 -0.36 -8.90 16.31
CA ALA B 90 -0.06 -10.15 17.02
C ALA B 90 -0.90 -11.31 16.53
N SER B 91 -2.17 -11.06 16.12
CA SER B 91 -3.11 -12.09 15.66
C SER B 91 -2.66 -12.81 14.39
N ILE B 92 -1.76 -12.18 13.59
CA ILE B 92 -1.29 -12.78 12.34
C ILE B 92 -0.54 -14.10 12.52
N SER B 93 0.38 -14.14 13.50
CA SER B 93 1.21 -15.30 13.76
C SER B 93 1.65 -15.30 15.22
N ASP B 94 1.66 -16.51 15.85
CA ASP B 94 2.05 -16.66 17.26
C ASP B 94 3.50 -16.22 17.58
N ASP B 95 4.40 -16.21 16.58
CA ASP B 95 5.80 -15.80 16.79
C ASP B 95 6.02 -14.28 16.68
N ILE B 96 4.95 -13.51 16.46
CA ILE B 96 5.03 -12.06 16.41
C ILE B 96 5.06 -11.48 17.84
N HIS B 97 5.94 -10.50 18.04
CA HIS B 97 6.07 -9.79 19.30
C HIS B 97 5.88 -8.32 19.01
N VAL B 98 5.04 -7.62 19.81
CA VAL B 98 4.83 -6.21 19.65
C VAL B 98 5.25 -5.49 20.94
N THR B 99 6.12 -4.50 20.84
CA THR B 99 6.46 -3.64 21.98
C THR B 99 5.72 -2.34 21.71
N THR B 100 4.85 -1.90 22.65
CA THR B 100 4.11 -0.68 22.43
C THR B 100 4.34 0.32 23.53
N ILE B 101 4.65 1.58 23.16
CA ILE B 101 4.91 2.63 24.14
C ILE B 101 3.68 3.50 24.31
N GLU B 102 3.27 3.78 25.57
CA GLU B 102 2.09 4.60 25.82
C GLU B 102 2.30 5.34 27.13
N ARG B 103 1.89 6.60 27.16
CA ARG B 103 2.03 7.53 28.30
C ARG B 103 0.69 7.72 29.02
N ASN B 104 -0.44 7.66 28.28
CA ASN B 104 -1.77 7.90 28.84
C ASN B 104 -2.26 6.76 29.74
N GLU B 105 -2.57 7.09 31.03
CA GLU B 105 -3.03 6.12 32.02
C GLU B 105 -4.32 5.40 31.63
N THR B 106 -5.32 6.13 31.10
CA THR B 106 -6.60 5.53 30.68
C THR B 106 -6.36 4.56 29.52
N MSE B 107 -5.56 5.00 28.52
CA MSE B 107 -5.18 4.16 27.36
C MSE B 107 -4.43 2.91 27.84
O MSE B 107 -4.78 1.81 27.43
CB MSE B 107 -4.34 4.95 26.34
CG MSE B 107 -5.10 6.08 25.67
SE MSE B 107 -6.83 5.52 24.89
CE MSE B 107 -7.17 7.14 23.95
N ILE B 108 -3.47 3.08 28.78
CA ILE B 108 -2.74 1.94 29.35
C ILE B 108 -3.70 0.95 30.01
N GLN B 109 -4.67 1.47 30.79
CA GLN B 109 -5.66 0.63 31.48
C GLN B 109 -6.49 -0.19 30.50
N TYR B 110 -7.05 0.45 29.47
CA TYR B 110 -7.85 -0.23 28.44
C TYR B 110 -7.02 -1.27 27.69
N ALA B 111 -5.78 -0.89 27.29
CA ALA B 111 -4.86 -1.78 26.58
C ALA B 111 -4.50 -2.99 27.41
N LYS B 112 -4.14 -2.79 28.71
CA LYS B 112 -3.86 -3.93 29.60
C LYS B 112 -5.08 -4.81 29.75
N GLN B 113 -6.29 -4.21 29.88
CA GLN B 113 -7.56 -4.93 29.99
C GLN B 113 -7.76 -5.78 28.74
N ASN B 114 -7.60 -5.16 27.56
CA ASN B 114 -7.75 -5.88 26.29
C ASN B 114 -6.77 -7.01 26.09
N LEU B 115 -5.48 -6.82 26.49
CA LEU B 115 -4.49 -7.88 26.35
C LEU B 115 -4.90 -9.11 27.15
N ALA B 116 -5.47 -8.88 28.36
CA ALA B 116 -5.99 -9.92 29.24
C ALA B 116 -7.27 -10.52 28.64
N THR B 117 -8.24 -9.66 28.25
CA THR B 117 -9.55 -10.07 27.69
C THR B 117 -9.39 -10.89 26.40
N TYR B 118 -8.50 -10.45 25.49
CA TYR B 118 -8.29 -11.08 24.18
C TYR B 118 -7.10 -12.07 24.12
N HIS B 119 -6.44 -12.35 25.26
CA HIS B 119 -5.34 -13.32 25.43
C HIS B 119 -4.03 -13.01 24.66
N PHE B 120 -3.62 -11.73 24.61
CA PHE B 120 -2.38 -11.36 23.91
C PHE B 120 -1.24 -10.88 24.82
N GLU B 121 -1.28 -11.23 26.12
CA GLU B 121 -0.24 -10.81 27.07
C GLU B 121 1.15 -11.32 26.75
N ASN B 122 1.25 -12.54 26.22
CA ASN B 122 2.52 -13.18 25.87
C ASN B 122 3.20 -12.57 24.64
N GLN B 123 2.40 -11.93 23.76
CA GLN B 123 2.87 -11.36 22.48
C GLN B 123 3.03 -9.86 22.47
N VAL B 124 2.40 -9.14 23.42
CA VAL B 124 2.44 -7.68 23.46
C VAL B 124 3.00 -7.23 24.81
N ARG B 125 4.02 -6.37 24.76
CA ARG B 125 4.67 -5.77 25.91
C ARG B 125 4.33 -4.28 25.92
N ILE B 126 3.64 -3.79 26.97
CA ILE B 126 3.31 -2.37 27.07
C ILE B 126 4.39 -1.63 27.88
N ILE B 127 5.02 -0.63 27.25
CA ILE B 127 6.04 0.20 27.91
CA ILE B 127 6.02 0.19 27.94
C ILE B 127 5.34 1.48 28.35
N GLU B 128 5.24 1.71 29.67
CA GLU B 128 4.57 2.90 30.17
C GLU B 128 5.46 4.10 30.38
N GLY B 129 5.12 5.21 29.74
CA GLY B 129 5.86 6.46 29.90
C GLY B 129 5.97 7.33 28.67
N ASN B 130 6.70 8.44 28.81
CA ASN B 130 6.93 9.38 27.71
C ASN B 130 7.86 8.71 26.69
N ALA B 131 7.39 8.62 25.43
CA ALA B 131 8.15 8.00 24.32
C ALA B 131 9.50 8.67 24.02
N LEU B 132 9.75 9.88 24.55
CA LEU B 132 11.06 10.51 24.37
C LEU B 132 12.12 9.82 25.23
N GLU B 133 11.70 9.12 26.30
CA GLU B 133 12.57 8.53 27.33
C GLU B 133 12.57 7.00 27.42
N GLN B 134 12.09 6.28 26.39
CA GLN B 134 11.96 4.82 26.48
C GLN B 134 13.02 4.00 25.77
N PHE B 135 13.98 4.65 25.07
CA PHE B 135 14.97 3.89 24.31
C PHE B 135 15.61 2.71 25.07
N GLU B 136 16.06 2.95 26.30
CA GLU B 136 16.72 1.89 27.07
C GLU B 136 15.80 0.76 27.53
N ASN B 137 14.47 0.98 27.48
CA ASN B 137 13.50 -0.05 27.87
C ASN B 137 13.05 -0.91 26.70
N VAL B 138 13.45 -0.52 25.47
CA VAL B 138 13.02 -1.24 24.26
C VAL B 138 14.20 -1.72 23.43
N ASN B 139 15.43 -1.31 23.80
CA ASN B 139 16.62 -1.67 23.03
C ASN B 139 17.20 -3.07 23.30
N ASP B 140 16.39 -3.98 23.84
CA ASP B 140 16.75 -5.37 24.09
C ASP B 140 16.49 -6.24 22.86
N LYS B 141 15.89 -5.65 21.82
CA LYS B 141 15.52 -6.31 20.58
C LYS B 141 15.90 -5.48 19.36
N VAL B 142 16.00 -6.17 18.19
CA VAL B 142 16.16 -5.57 16.87
C VAL B 142 14.74 -5.73 16.29
N TYR B 143 14.19 -4.66 15.77
CA TYR B 143 12.84 -4.65 15.23
C TYR B 143 12.79 -4.76 13.71
N ASP B 144 11.71 -5.39 13.20
CA ASP B 144 11.50 -5.50 11.77
C ASP B 144 10.61 -4.37 11.23
N MSE B 145 9.84 -3.73 12.15
CA MSE B 145 8.89 -2.68 11.79
CA MSE B 145 8.94 -2.64 11.77
C MSE B 145 8.72 -1.70 12.95
O MSE B 145 8.67 -2.14 14.09
CB MSE B 145 7.53 -3.35 11.46
CB MSE B 145 7.59 -3.21 11.23
CG MSE B 145 6.44 -2.34 11.15
CG MSE B 145 6.70 -2.14 10.59
SE MSE B 145 4.73 -3.16 10.75
SE MSE B 145 5.32 -1.50 11.82
CE MSE B 145 4.98 -3.41 9.02
CE MSE B 145 4.07 -2.92 11.56
N ILE B 146 8.63 -0.41 12.64
CA ILE B 146 8.34 0.64 13.61
C ILE B 146 7.08 1.32 13.11
N PHE B 147 6.08 1.50 14.00
CA PHE B 147 4.82 2.14 13.65
C PHE B 147 4.72 3.44 14.43
N ILE B 148 4.62 4.58 13.72
CA ILE B 148 4.54 5.94 14.31
C ILE B 148 3.32 6.69 13.75
N ASP B 149 2.81 7.70 14.51
CA ASP B 149 1.76 8.62 14.07
C ASP B 149 2.45 9.98 13.88
N ALA B 150 2.39 10.59 12.67
CA ALA B 150 3.07 11.85 12.33
C ALA B 150 2.64 13.05 13.18
N ALA B 151 1.43 12.99 13.72
CA ALA B 151 0.87 14.07 14.50
C ALA B 151 1.02 13.91 16.02
N LYS B 152 1.48 12.73 16.49
CA LYS B 152 1.64 12.50 17.92
C LYS B 152 2.95 13.02 18.46
N ALA B 153 2.86 14.04 19.33
CA ALA B 153 4.01 14.63 20.02
C ALA B 153 5.24 14.83 19.09
N GLN B 154 6.44 14.46 19.52
CA GLN B 154 7.65 14.66 18.73
C GLN B 154 7.89 13.51 17.72
N SER B 155 7.06 13.45 16.66
CA SER B 155 7.12 12.40 15.63
C SER B 155 8.50 12.25 14.95
N LYS B 156 9.14 13.39 14.57
CA LYS B 156 10.47 13.39 13.97
C LYS B 156 11.49 12.87 15.01
N LYS B 157 11.39 13.32 16.27
CA LYS B 157 12.28 12.86 17.33
C LYS B 157 12.12 11.37 17.60
N PHE B 158 10.87 10.85 17.55
CA PHE B 158 10.65 9.40 17.75
C PHE B 158 11.32 8.62 16.63
N PHE B 159 11.21 9.11 15.39
CA PHE B 159 11.89 8.46 14.26
C PHE B 159 13.40 8.41 14.52
N GLU B 160 14.01 9.56 14.91
CA GLU B 160 15.45 9.65 15.19
C GLU B 160 15.88 8.75 16.35
N ILE B 161 15.08 8.72 17.43
CA ILE B 161 15.43 7.92 18.61
C ILE B 161 15.37 6.41 18.36
N TYR B 162 14.30 5.95 17.68
CA TYR B 162 14.03 4.52 17.56
C TYR B 162 14.52 3.78 16.35
N THR B 163 14.68 4.45 15.21
CA THR B 163 15.15 3.79 13.98
C THR B 163 16.53 3.11 14.11
N PRO B 164 17.47 3.53 15.00
CA PRO B 164 18.71 2.76 15.14
C PRO B 164 18.46 1.29 15.53
N LEU B 165 17.26 0.97 16.09
CA LEU B 165 16.90 -0.39 16.48
C LEU B 165 16.25 -1.18 15.32
N LEU B 166 15.97 -0.52 14.20
CA LEU B 166 15.33 -1.17 13.06
C LEU B 166 16.37 -1.85 12.20
N LYS B 167 16.07 -3.08 11.76
CA LYS B 167 16.99 -3.77 10.87
C LYS B 167 17.05 -3.12 9.50
N HIS B 168 18.18 -3.30 8.80
CA HIS B 168 18.24 -2.83 7.43
CA HIS B 168 18.30 -2.85 7.41
C HIS B 168 17.20 -3.64 6.66
N GLN B 169 16.52 -2.98 5.74
CA GLN B 169 15.40 -3.48 4.91
C GLN B 169 14.12 -3.56 5.76
N GLY B 170 14.19 -3.12 7.02
CA GLY B 170 13.03 -3.05 7.90
C GLY B 170 12.17 -1.88 7.48
N LEU B 171 10.94 -1.81 8.03
CA LEU B 171 10.01 -0.77 7.64
C LEU B 171 9.69 0.24 8.74
N VAL B 172 9.53 1.52 8.36
CA VAL B 172 8.93 2.52 9.26
C VAL B 172 7.58 2.82 8.60
N ILE B 173 6.47 2.60 9.32
CA ILE B 173 5.14 2.90 8.80
C ILE B 173 4.67 4.13 9.59
N THR B 174 4.36 5.24 8.88
CA THR B 174 3.87 6.45 9.56
C THR B 174 2.42 6.69 9.19
N ASP B 175 1.53 6.71 10.18
CA ASP B 175 0.11 6.95 9.95
C ASP B 175 -0.17 8.43 10.14
N ASN B 176 -1.32 8.87 9.62
CA ASN B 176 -1.81 10.24 9.76
CA ASN B 176 -1.85 10.22 9.71
C ASN B 176 -0.94 11.30 9.09
N VAL B 177 -0.28 10.96 7.96
CA VAL B 177 0.58 11.90 7.26
C VAL B 177 -0.20 13.00 6.49
N LEU B 178 -1.53 12.88 6.44
CA LEU B 178 -2.39 13.89 5.81
C LEU B 178 -3.15 14.70 6.88
N TYR B 179 -2.91 14.41 8.18
CA TYR B 179 -3.58 15.03 9.35
C TYR B 179 -5.04 15.29 9.08
N HIS B 180 -5.78 14.20 8.87
CA HIS B 180 -7.22 14.14 8.60
C HIS B 180 -7.69 14.85 7.31
N GLY B 181 -6.76 15.50 6.60
CA GLY B 181 -7.02 16.20 5.34
C GLY B 181 -6.50 17.63 5.25
N PHE B 182 -6.07 18.22 6.39
CA PHE B 182 -5.61 19.61 6.47
C PHE B 182 -4.20 19.90 5.97
N VAL B 183 -3.39 18.86 5.77
CA VAL B 183 -1.99 18.99 5.34
C VAL B 183 -1.82 19.50 3.89
N SER B 184 -2.74 19.11 2.97
CA SER B 184 -2.71 19.49 1.54
C SER B 184 -2.79 21.00 1.29
N ASP B 185 -3.36 21.74 2.25
CA ASP B 185 -3.47 23.21 2.24
C ASP B 185 -3.76 23.69 3.68
N ILE B 186 -2.74 24.27 4.33
CA ILE B 186 -2.88 24.79 5.70
C ILE B 186 -3.82 26.03 5.76
N GLY B 187 -4.04 26.66 4.61
CA GLY B 187 -4.90 27.84 4.46
C GLY B 187 -6.36 27.65 4.84
N ILE B 188 -6.86 26.39 4.76
CA ILE B 188 -8.25 26.06 5.12
C ILE B 188 -8.45 25.92 6.64
N VAL B 189 -7.34 25.82 7.41
CA VAL B 189 -7.32 25.66 8.86
C VAL B 189 -7.68 26.99 9.56
N ARG B 190 -8.55 26.91 10.59
CA ARG B 190 -8.99 28.07 11.35
C ARG B 190 -8.40 28.08 12.75
N SER B 191 -8.39 26.91 13.39
CA SER B 191 -7.87 26.68 14.73
C SER B 191 -6.34 26.83 14.77
N ARG B 192 -5.84 27.56 15.78
CA ARG B 192 -4.40 27.75 15.99
C ARG B 192 -3.74 26.39 16.31
N ASN B 193 -4.45 25.54 17.10
CA ASN B 193 -4.00 24.20 17.50
C ASN B 193 -3.92 23.26 16.31
N VAL B 194 -4.88 23.33 15.38
CA VAL B 194 -4.88 22.52 14.16
C VAL B 194 -3.77 23.03 13.21
N ARG B 195 -3.51 24.35 13.19
CA ARG B 195 -2.47 24.96 12.36
C ARG B 195 -1.07 24.51 12.77
N GLN B 196 -0.76 24.50 14.08
CA GLN B 196 0.55 24.05 14.58
C GLN B 196 0.74 22.56 14.27
N MSE B 197 -0.37 21.79 14.29
CA MSE B 197 -0.43 20.36 13.99
C MSE B 197 -0.11 20.09 12.53
O MSE B 197 0.76 19.26 12.24
CB MSE B 197 -1.79 19.76 14.37
CG MSE B 197 -1.92 19.45 15.84
SE MSE B 197 -0.73 18.10 16.61
CE MSE B 197 0.43 17.66 15.14
N VAL B 198 -0.79 20.78 11.62
CA VAL B 198 -0.56 20.64 10.18
C VAL B 198 0.90 20.98 9.85
N LYS B 199 1.43 22.08 10.42
CA LYS B 199 2.82 22.49 10.23
C LYS B 199 3.83 21.40 10.63
N LYS B 200 3.59 20.77 11.79
CA LYS B 200 4.46 19.72 12.33
C LYS B 200 4.45 18.49 11.37
N VAL B 201 3.26 18.08 10.92
CA VAL B 201 3.08 16.94 9.99
C VAL B 201 3.73 17.28 8.64
N GLN B 202 3.47 18.48 8.10
CA GLN B 202 4.09 18.91 6.84
C GLN B 202 5.61 18.85 6.94
N ASP B 203 6.16 19.32 8.10
CA ASP B 203 7.61 19.33 8.30
C ASP B 203 8.15 17.91 8.37
N TYR B 204 7.41 17.02 9.05
CA TYR B 204 7.79 15.61 9.20
C TYR B 204 7.88 14.96 7.81
N ASN B 205 6.84 15.13 6.98
CA ASN B 205 6.78 14.51 5.65
C ASN B 205 7.92 14.93 4.76
N GLU B 206 8.22 16.24 4.74
CA GLU B 206 9.28 16.86 3.96
C GLU B 206 10.66 16.35 4.42
N TRP B 207 10.85 16.26 5.75
CA TRP B 207 12.08 15.75 6.35
C TRP B 207 12.25 14.24 6.01
N LEU B 208 11.16 13.46 6.18
CA LEU B 208 11.18 12.02 5.93
C LEU B 208 11.58 11.67 4.50
N ILE B 209 10.93 12.32 3.51
CA ILE B 209 11.17 12.06 2.08
C ILE B 209 12.61 12.35 1.66
N LYS B 210 13.32 13.18 2.44
CA LYS B 210 14.70 13.56 2.18
C LYS B 210 15.75 12.75 2.94
N GLN B 211 15.33 11.81 3.84
CA GLN B 211 16.27 10.98 4.60
C GLN B 211 17.04 10.08 3.59
N PRO B 212 18.37 10.28 3.41
CA PRO B 212 19.08 9.53 2.36
C PRO B 212 19.14 8.00 2.48
N GLY B 213 19.06 7.46 3.70
CA GLY B 213 19.12 6.02 3.92
C GLY B 213 17.75 5.34 3.95
N TYR B 214 16.71 6.04 3.48
CA TYR B 214 15.35 5.47 3.43
C TYR B 214 14.70 5.69 2.07
N THR B 215 13.89 4.72 1.62
CA THR B 215 13.08 4.89 0.42
C THR B 215 11.63 4.93 0.88
N THR B 216 10.95 6.05 0.64
CA THR B 216 9.58 6.26 1.14
C THR B 216 8.56 6.51 0.05
N ASN B 217 7.34 6.00 0.25
CA ASN B 217 6.20 6.30 -0.60
C ASN B 217 5.04 6.69 0.29
N PHE B 218 4.18 7.57 -0.20
CA PHE B 218 3.00 8.05 0.53
C PHE B 218 1.74 7.61 -0.20
N LEU B 219 0.69 7.38 0.57
CA LEU B 219 -0.62 6.97 0.05
C LEU B 219 -1.72 7.82 0.64
N ASN B 220 -2.72 8.21 -0.16
CA ASN B 220 -3.86 8.95 0.36
C ASN B 220 -4.99 7.98 0.72
N ILE B 221 -4.68 7.00 1.55
CA ILE B 221 -5.67 6.05 2.07
C ILE B 221 -6.02 6.56 3.44
N ASP B 222 -7.32 6.64 3.77
CA ASP B 222 -7.75 7.07 5.09
C ASP B 222 -7.11 8.43 5.51
N ASP B 223 -6.36 8.50 6.61
CA ASP B 223 -5.73 9.76 7.02
C ASP B 223 -4.31 9.92 6.48
N GLY B 224 -3.95 9.12 5.47
CA GLY B 224 -2.62 9.15 4.87
C GLY B 224 -1.68 8.16 5.53
N LEU B 225 -0.89 7.48 4.72
CA LEU B 225 0.09 6.53 5.24
C LEU B 225 1.40 6.67 4.49
N ALA B 226 2.52 6.58 5.20
CA ALA B 226 3.84 6.55 4.54
C ALA B 226 4.51 5.23 4.90
N ILE B 227 5.19 4.62 3.91
CA ILE B 227 5.92 3.37 4.09
C ILE B 227 7.37 3.67 3.76
N SER B 228 8.27 3.47 4.72
CA SER B 228 9.69 3.75 4.52
C SER B 228 10.49 2.48 4.69
N ILE B 229 11.37 2.18 3.72
CA ILE B 229 12.26 1.02 3.82
C ILE B 229 13.64 1.54 4.25
N LYS B 230 14.20 0.96 5.31
CA LYS B 230 15.54 1.35 5.79
C LYS B 230 16.60 0.75 4.88
N GLY B 231 17.28 1.61 4.16
CA GLY B 231 18.29 1.21 3.17
C GLY B 231 19.64 1.85 3.40
S SO4 C . 1.36 1.83 -18.79
O1 SO4 C . 2.29 0.76 -18.37
O2 SO4 C . 1.93 2.49 -19.95
O3 SO4 C . 0.05 1.20 -19.15
O4 SO4 C . 1.12 2.71 -17.62
S SO4 D . -4.66 1.47 18.51
O1 SO4 D . -3.66 0.40 18.68
O2 SO4 D . -3.99 2.80 18.66
O3 SO4 D . -5.23 1.44 17.10
O4 SO4 D . -5.67 1.26 19.53
#